data_3PZJ
#
_entry.id   3PZJ
#
_cell.length_a   64.665
_cell.length_b   67.434
_cell.length_c   85.271
_cell.angle_alpha   90.00
_cell.angle_beta   90.00
_cell.angle_gamma   90.00
#
_symmetry.space_group_name_H-M   'P 21 21 21'
#
loop_
_entity.id
_entity.type
_entity.pdbx_description
1 polymer 'Probable acetyltransferases'
2 non-polymer 'SODIUM ION'
3 non-polymer 1,2-ETHANEDIOL
4 water water
#
_entity_poly.entity_id   1
_entity_poly.type   'polypeptide(L)'
_entity_poly.pdbx_seq_one_letter_code
;SNA(MSE)HSPQISPPIAPSTPLLAGWRSAGKAPEAAIRGEAVSLQPLDAPRHGAALFRLFAGDDSHWEHLPYGPFEDED
AFITWLALTVAQSDTALYVVCAKDSDQALGFLGYRQ(MSE)VQAHGAIEIGHVNFSPALRRTRLATEAVFLLLKTAFELG
YRRCEWRCDSRNAASAAAARRFGFQFEGTLRQA(MSE)VVKRRNRDTHVFS(MSE)LDGEWDALK
;
_entity_poly.pdbx_strand_id   A,B
#
# COMPACT_ATOMS: atom_id res chain seq x y z
N SER A 10 -21.31 -8.46 7.01
CA SER A 10 -19.92 -8.90 6.79
C SER A 10 -19.64 -9.04 5.29
N PRO A 11 -18.41 -8.69 4.87
CA PRO A 11 -18.10 -8.53 3.46
C PRO A 11 -18.24 -9.81 2.58
N PRO A 12 -18.44 -9.62 1.27
CA PRO A 12 -18.69 -10.77 0.41
C PRO A 12 -17.61 -11.86 0.52
N ILE A 13 -18.06 -13.12 0.41
CA ILE A 13 -17.15 -14.22 0.11
C ILE A 13 -17.15 -14.32 -1.40
N ALA A 14 -15.96 -14.17 -1.98
CA ALA A 14 -15.85 -14.27 -3.43
C ALA A 14 -15.72 -15.76 -3.81
N PRO A 15 -16.44 -16.19 -4.87
CA PRO A 15 -16.26 -17.56 -5.37
C PRO A 15 -14.93 -17.79 -6.11
N SER A 16 -14.70 -19.04 -6.54
CA SER A 16 -13.60 -19.35 -7.43
C SER A 16 -13.81 -18.63 -8.78
N THR A 17 -12.73 -18.16 -9.41
CA THR A 17 -12.81 -17.59 -10.75
C THR A 17 -11.77 -18.18 -11.71
N PRO A 18 -12.01 -18.06 -13.01
CA PRO A 18 -11.04 -18.65 -13.91
C PRO A 18 -9.69 -17.96 -13.82
N LEU A 19 -8.68 -18.65 -14.30
CA LEU A 19 -7.39 -18.05 -14.54
C LEU A 19 -7.52 -16.83 -15.47
N LEU A 20 -6.63 -15.85 -15.24
CA LEU A 20 -6.52 -14.71 -16.12
C LEU A 20 -5.65 -15.09 -17.29
N ALA A 21 -6.14 -14.84 -18.53
CA ALA A 21 -5.45 -15.27 -19.76
C ALA A 21 -4.35 -14.28 -20.14
N GLY A 22 -3.17 -14.81 -20.39
CA GLY A 22 -2.07 -14.01 -20.85
C GLY A 22 -1.68 -12.96 -19.81
N TRP A 23 -1.78 -13.32 -18.52
CA TRP A 23 -1.30 -12.42 -17.46
C TRP A 23 0.23 -12.33 -17.51
N ARG A 24 0.75 -11.12 -17.43
CA ARG A 24 2.17 -10.90 -17.18
C ARG A 24 2.36 -9.59 -16.39
N SER A 25 3.57 -9.38 -15.86
CA SER A 25 3.81 -8.13 -15.14
C SER A 25 3.53 -6.94 -16.03
N ALA A 26 2.99 -5.88 -15.39
CA ALA A 26 2.79 -4.62 -16.10
C ALA A 26 4.13 -3.90 -16.36
N GLY A 27 4.12 -2.99 -17.33
CA GLY A 27 5.36 -2.29 -17.73
C GLY A 27 5.79 -1.16 -16.80
N LYS A 28 7.03 -0.69 -17.02
CA LYS A 28 7.62 0.39 -16.26
C LYS A 28 7.02 1.73 -16.73
N ALA A 29 7.20 2.79 -15.96
CA ALA A 29 6.59 4.11 -16.33
C ALA A 29 7.32 4.67 -17.52
N PRO A 30 6.61 5.33 -18.45
CA PRO A 30 7.34 5.78 -19.62
C PRO A 30 8.43 6.72 -19.22
N GLU A 31 9.53 6.58 -19.95
CA GLU A 31 10.70 7.44 -19.78
C GLU A 31 10.72 8.57 -20.85
N ALA A 32 9.79 8.55 -21.81
CA ALA A 32 9.66 9.64 -22.80
C ALA A 32 8.35 10.32 -22.56
N ALA A 33 8.15 11.49 -23.17
CA ALA A 33 6.92 12.27 -22.98
C ALA A 33 5.70 11.54 -23.45
N ILE A 34 4.59 11.74 -22.74
CA ILE A 34 3.30 11.17 -23.07
C ILE A 34 2.48 12.29 -23.73
N ARG A 35 2.20 12.15 -25.03
CA ARG A 35 1.67 13.27 -25.81
C ARG A 35 0.16 13.10 -25.97
N GLY A 36 -0.60 14.15 -25.65
CA GLY A 36 -2.01 14.16 -25.94
C GLY A 36 -2.35 15.19 -26.99
N GLU A 37 -3.62 15.55 -27.02
CA GLU A 37 -4.10 16.55 -27.97
C GLU A 37 -3.72 17.96 -27.51
N ALA A 38 -3.93 18.31 -26.23
CA ALA A 38 -3.67 19.70 -25.77
C ALA A 38 -2.54 19.74 -24.75
N VAL A 39 -2.13 18.58 -24.27
CA VAL A 39 -1.13 18.52 -23.21
C VAL A 39 -0.09 17.52 -23.59
N SER A 40 1.09 17.73 -23.05
CA SER A 40 2.10 16.69 -23.02
C SER A 40 2.59 16.60 -21.57
N LEU A 41 2.86 15.38 -21.16
CA LEU A 41 3.42 15.07 -19.83
C LEU A 41 4.91 14.70 -20.02
N GLN A 42 5.77 15.55 -19.51
CA GLN A 42 7.17 15.36 -19.69
C GLN A 42 7.74 14.73 -18.46
N PRO A 43 8.59 13.73 -18.63
CA PRO A 43 9.25 13.15 -17.49
C PRO A 43 9.95 14.17 -16.66
N LEU A 44 9.73 14.13 -15.35
CA LEU A 44 10.15 15.22 -14.56
C LEU A 44 11.66 15.08 -14.40
N ASP A 45 12.34 16.20 -14.44
CA ASP A 45 13.78 16.23 -14.28
C ASP A 45 14.00 17.13 -13.04
N ALA A 46 14.01 16.53 -11.87
CA ALA A 46 13.82 17.29 -10.58
C ALA A 46 14.67 18.55 -10.51
N PRO A 47 15.96 18.40 -10.78
CA PRO A 47 16.82 19.60 -10.74
C PRO A 47 16.66 20.60 -11.92
N ARG A 48 16.14 20.16 -13.06
CA ARG A 48 15.92 21.12 -14.19
C ARG A 48 14.56 21.87 -14.06
N HIS A 49 13.48 21.10 -13.86
CA HIS A 49 12.09 21.60 -13.85
C HIS A 49 11.76 22.23 -12.49
N GLY A 50 12.59 21.90 -11.50
CA GLY A 50 12.44 22.27 -10.10
C GLY A 50 12.10 23.73 -9.80
N ALA A 51 12.92 24.68 -10.26
CA ALA A 51 12.69 26.12 -9.93
C ALA A 51 11.39 26.65 -10.52
N ALA A 52 11.04 26.21 -11.73
CA ALA A 52 9.80 26.62 -12.35
C ALA A 52 8.64 26.11 -11.54
N LEU A 53 8.71 24.84 -11.12
CA LEU A 53 7.57 24.28 -10.38
C LEU A 53 7.48 24.95 -9.03
N PHE A 54 8.62 25.23 -8.40
CA PHE A 54 8.58 25.91 -7.12
C PHE A 54 7.80 27.20 -7.22
N ARG A 55 8.12 28.02 -8.22
CA ARG A 55 7.50 29.37 -8.42
C ARG A 55 6.02 29.25 -8.59
N LEU A 56 5.58 28.19 -9.24
CA LEU A 56 4.19 28.02 -9.50
C LEU A 56 3.33 28.02 -8.23
N PHE A 57 3.86 27.50 -7.11
CA PHE A 57 3.08 27.39 -5.89
C PHE A 57 3.55 28.33 -4.79
N ALA A 58 4.77 28.90 -4.98
CA ALA A 58 5.44 29.75 -3.98
C ALA A 58 4.48 30.76 -3.41
N GLY A 59 3.57 31.22 -4.25
CA GLY A 59 2.66 32.25 -3.87
C GLY A 59 1.63 31.95 -2.80
N ASP A 60 0.85 30.87 -2.99
CA ASP A 60 -0.24 30.56 -2.10
C ASP A 60 -0.03 29.22 -1.34
N ASP A 61 0.42 29.33 -0.11
CA ASP A 61 0.68 28.20 0.74
C ASP A 61 -0.50 27.29 1.03
N SER A 62 -1.72 27.78 0.80
CA SER A 62 -2.93 26.97 0.98
C SER A 62 -2.97 25.77 0.02
N HIS A 63 -2.18 25.81 -1.05
CA HIS A 63 -2.04 24.69 -1.98
C HIS A 63 -1.76 23.34 -1.28
N TRP A 64 -0.97 23.38 -0.23
CA TRP A 64 -0.45 22.22 0.44
C TRP A 64 -1.38 21.73 1.59
N GLU A 65 -2.53 22.40 1.81
CA GLU A 65 -3.34 22.25 3.03
C GLU A 65 -3.66 20.79 3.34
N HIS A 66 -4.06 20.03 2.33
CA HIS A 66 -4.46 18.62 2.55
C HIS A 66 -3.42 17.60 2.04
N LEU A 67 -2.21 18.06 1.80
CA LEU A 67 -1.16 17.20 1.26
C LEU A 67 -0.12 16.87 2.31
N PRO A 68 0.60 15.75 2.14
CA PRO A 68 1.56 15.41 3.19
C PRO A 68 2.91 16.10 3.09
N TYR A 69 3.02 17.13 2.25
CA TYR A 69 4.26 17.85 2.09
C TYR A 69 3.91 19.28 1.78
N GLY A 70 4.94 20.10 1.75
CA GLY A 70 4.76 21.51 1.53
C GLY A 70 4.21 22.24 2.78
N PRO A 71 4.30 23.55 2.79
CA PRO A 71 5.02 24.37 1.82
C PRO A 71 6.52 24.23 1.98
N PHE A 72 7.23 24.74 0.99
CA PHE A 72 8.68 24.61 0.92
C PHE A 72 9.34 25.97 1.23
N GLU A 73 10.33 25.96 2.12
CA GLU A 73 10.87 27.23 2.60
C GLU A 73 11.66 27.96 1.51
N ASP A 74 12.15 27.23 0.51
CA ASP A 74 12.86 27.80 -0.63
C ASP A 74 13.02 26.77 -1.74
N GLU A 75 13.55 27.21 -2.87
CA GLU A 75 13.81 26.36 -4.01
C GLU A 75 14.58 25.09 -3.72
N ASP A 76 15.66 25.23 -2.97
CA ASP A 76 16.46 24.06 -2.68
C ASP A 76 15.67 23.02 -1.91
N ALA A 77 14.80 23.47 -1.03
CA ALA A 77 14.02 22.48 -0.22
C ALA A 77 13.10 21.71 -1.13
N PHE A 78 12.55 22.41 -2.10
CA PHE A 78 11.60 21.81 -3.03
C PHE A 78 12.28 20.86 -4.03
N ILE A 79 13.44 21.23 -4.49
CA ILE A 79 14.22 20.40 -5.36
C ILE A 79 14.66 19.16 -4.62
N THR A 80 15.01 19.33 -3.37
CA THR A 80 15.43 18.20 -2.55
C THR A 80 14.28 17.18 -2.40
N TRP A 81 13.10 17.68 -2.02
CA TRP A 81 11.85 16.86 -1.96
C TRP A 81 11.57 16.16 -3.25
N LEU A 82 11.67 16.86 -4.39
CA LEU A 82 11.35 16.29 -5.67
C LEU A 82 12.24 15.18 -5.97
N ALA A 83 13.55 15.44 -5.82
CA ALA A 83 14.58 14.47 -6.09
C ALA A 83 14.41 13.23 -5.26
N LEU A 84 14.24 13.32 -3.95
CA LEU A 84 14.02 12.15 -3.09
C LEU A 84 12.68 11.43 -3.42
N THR A 85 11.66 12.17 -3.83
CA THR A 85 10.39 11.49 -4.22
C THR A 85 10.59 10.62 -5.51
N VAL A 86 11.18 11.21 -6.54
CA VAL A 86 11.42 10.52 -7.80
C VAL A 86 12.50 9.44 -7.72
N ALA A 87 13.39 9.57 -6.77
CA ALA A 87 14.35 8.48 -6.53
C ALA A 87 13.74 7.17 -6.16
N GLN A 88 12.56 7.18 -5.55
CA GLN A 88 11.93 5.89 -5.24
C GLN A 88 11.62 5.09 -6.52
N SER A 89 11.92 3.80 -6.51
CA SER A 89 11.78 3.02 -7.71
C SER A 89 10.28 2.90 -8.07
N ASP A 90 9.38 3.09 -7.11
CA ASP A 90 7.96 2.86 -7.41
C ASP A 90 7.20 4.15 -7.71
N THR A 91 7.95 5.24 -7.88
CA THR A 91 7.33 6.55 -8.15
C THR A 91 7.93 7.17 -9.46
N ALA A 92 7.05 7.72 -10.30
CA ALA A 92 7.51 8.43 -11.51
C ALA A 92 6.65 9.66 -11.65
N LEU A 93 7.26 10.81 -11.86
CA LEU A 93 6.50 12.06 -11.98
C LEU A 93 6.71 12.69 -13.33
N TYR A 94 5.73 13.50 -13.72
CA TYR A 94 5.68 14.16 -15.04
C TYR A 94 5.24 15.59 -14.80
N VAL A 95 5.75 16.47 -15.66
CA VAL A 95 5.40 17.84 -15.68
C VAL A 95 4.31 18.09 -16.80
N VAL A 96 3.26 18.81 -16.42
CA VAL A 96 2.16 19.11 -17.30
C VAL A 96 2.53 20.38 -18.07
N CYS A 97 2.61 20.27 -19.40
CA CYS A 97 2.84 21.39 -20.31
C CYS A 97 1.72 21.41 -21.33
N ALA A 98 1.34 22.59 -21.80
CA ALA A 98 0.61 22.72 -23.08
C ALA A 98 1.37 21.93 -24.19
N LYS A 99 0.62 21.35 -25.13
CA LYS A 99 1.20 20.61 -26.26
C LYS A 99 2.34 21.37 -26.90
N ASP A 100 3.47 20.69 -26.97
CA ASP A 100 4.71 21.15 -27.58
C ASP A 100 5.27 22.46 -26.95
N SER A 101 4.91 22.73 -25.71
CA SER A 101 5.56 23.82 -24.92
C SER A 101 6.43 23.28 -23.79
N ASP A 102 7.36 24.12 -23.31
CA ASP A 102 8.25 23.80 -22.19
CA ASP A 102 8.19 23.72 -22.16
C ASP A 102 7.82 24.51 -20.88
N GLN A 103 6.65 25.16 -20.89
CA GLN A 103 6.17 25.93 -19.74
C GLN A 103 5.44 25.00 -18.78
N ALA A 104 6.03 24.78 -17.62
CA ALA A 104 5.48 23.87 -16.59
C ALA A 104 4.23 24.46 -16.05
N LEU A 105 3.11 23.74 -16.10
CA LEU A 105 1.84 24.21 -15.50
C LEU A 105 1.42 23.45 -14.23
N GLY A 106 2.14 22.39 -13.92
CA GLY A 106 2.03 21.66 -12.62
C GLY A 106 2.66 20.31 -12.82
N PHE A 107 2.45 19.41 -11.88
CA PHE A 107 2.95 18.08 -11.97
C PHE A 107 2.04 17.04 -11.38
N LEU A 108 2.30 15.79 -11.72
CA LEU A 108 1.60 14.62 -11.24
C LEU A 108 2.31 13.34 -11.68
N GLY A 109 1.91 12.21 -11.18
CA GLY A 109 2.53 10.98 -11.60
C GLY A 109 1.96 9.71 -10.99
N TYR A 110 2.76 8.66 -10.96
CA TYR A 110 2.39 7.40 -10.40
C TYR A 110 3.18 7.22 -9.10
N ARG A 111 2.55 6.54 -8.14
CA ARG A 111 3.28 6.04 -7.02
C ARG A 111 2.76 4.69 -6.63
N GLN A 112 3.49 4.07 -5.74
CA GLN A 112 3.16 2.71 -5.30
C GLN A 112 2.94 1.77 -6.54
N VAL A 114 3.28 -1.40 -8.53
CA VAL A 114 3.53 -2.80 -8.25
C VAL A 114 3.34 -3.54 -9.55
N GLN A 115 4.40 -3.59 -10.33
CA GLN A 115 4.32 -4.22 -11.65
C GLN A 115 3.82 -5.61 -11.62
N ALA A 116 4.27 -6.38 -10.63
CA ALA A 116 3.92 -7.83 -10.52
C ALA A 116 2.42 -8.07 -10.32
N HIS A 117 1.70 -7.08 -9.77
CA HIS A 117 0.25 -7.21 -9.53
C HIS A 117 -0.61 -6.36 -10.39
N GLY A 118 0.03 -5.57 -11.24
CA GLY A 118 -0.64 -4.65 -12.13
C GLY A 118 -1.43 -3.61 -11.36
N ALA A 119 -0.87 -3.15 -10.26
CA ALA A 119 -1.53 -2.16 -9.45
C ALA A 119 -0.66 -0.92 -9.43
N ILE A 120 -1.33 0.25 -9.48
CA ILE A 120 -0.62 1.56 -9.49
C ILE A 120 -1.53 2.60 -8.85
N GLU A 121 -0.96 3.75 -8.48
CA GLU A 121 -1.71 4.85 -7.87
C GLU A 121 -1.36 6.13 -8.64
N ILE A 122 -2.35 6.90 -9.13
CA ILE A 122 -2.10 8.25 -9.64
C ILE A 122 -2.10 9.17 -8.43
N GLY A 123 -1.02 9.87 -8.24
CA GLY A 123 -0.86 10.80 -7.17
C GLY A 123 0.08 11.93 -7.45
N HIS A 124 0.42 12.61 -6.38
CA HIS A 124 1.17 13.82 -6.40
C HIS A 124 0.57 14.79 -7.39
N VAL A 125 -0.76 14.93 -7.33
CA VAL A 125 -1.44 15.81 -8.26
C VAL A 125 -1.36 17.21 -7.73
N ASN A 126 -0.51 18.01 -8.40
CA ASN A 126 -0.15 19.37 -7.98
C ASN A 126 -0.35 20.29 -9.17
N PHE A 127 -1.56 20.86 -9.27
CA PHE A 127 -1.92 21.67 -10.44
C PHE A 127 -1.98 23.13 -10.03
N SER A 128 -1.38 24.00 -10.82
CA SER A 128 -1.41 25.47 -10.57
C SER A 128 -2.84 25.94 -10.65
N PRO A 129 -3.18 27.09 -10.06
CA PRO A 129 -4.58 27.54 -10.18
C PRO A 129 -5.07 27.71 -11.66
N ALA A 130 -4.20 28.21 -12.52
CA ALA A 130 -4.50 28.37 -13.92
C ALA A 130 -4.86 27.07 -14.61
N LEU A 131 -4.36 25.96 -14.07
CA LEU A 131 -4.61 24.62 -14.64
C LEU A 131 -5.83 23.97 -14.00
N ARG A 132 -5.99 24.10 -12.70
CA ARG A 132 -7.08 23.44 -12.00
C ARG A 132 -8.36 23.62 -12.76
N ARG A 133 -9.18 22.57 -12.76
CA ARG A 133 -10.59 22.71 -13.21
C ARG A 133 -10.74 23.20 -14.67
N THR A 134 -9.74 22.84 -15.50
CA THR A 134 -9.66 23.14 -16.96
C THR A 134 -9.54 21.89 -17.74
N ARG A 135 -9.70 22.01 -19.05
CA ARG A 135 -9.64 20.87 -19.93
C ARG A 135 -8.24 20.26 -19.97
N LEU A 136 -7.19 21.06 -19.81
CA LEU A 136 -5.81 20.47 -19.73
C LEU A 136 -5.65 19.63 -18.48
N ALA A 137 -6.19 20.06 -17.36
CA ALA A 137 -6.10 19.21 -16.15
C ALA A 137 -6.72 17.83 -16.36
N THR A 138 -7.93 17.78 -16.93
CA THR A 138 -8.62 16.54 -17.21
C THR A 138 -7.83 15.70 -18.19
N GLU A 139 -7.27 16.30 -19.23
CA GLU A 139 -6.47 15.54 -20.13
C GLU A 139 -5.23 14.97 -19.47
N ALA A 140 -4.59 15.75 -18.57
CA ALA A 140 -3.38 15.25 -17.90
C ALA A 140 -3.70 13.92 -17.15
N VAL A 141 -4.78 13.92 -16.41
CA VAL A 141 -5.14 12.73 -15.67
C VAL A 141 -5.55 11.56 -16.63
N PHE A 142 -6.40 11.85 -17.60
CA PHE A 142 -6.79 10.87 -18.63
C PHE A 142 -5.57 10.24 -19.28
N LEU A 143 -4.53 11.03 -19.59
CA LEU A 143 -3.28 10.46 -20.20
C LEU A 143 -2.51 9.47 -19.28
N LEU A 144 -2.53 9.71 -17.94
CA LEU A 144 -1.93 8.73 -17.05
C LEU A 144 -2.79 7.53 -16.92
N LEU A 145 -4.11 7.66 -16.96
CA LEU A 145 -4.95 6.44 -16.92
C LEU A 145 -4.72 5.61 -18.20
N LYS A 146 -4.83 6.28 -19.36
CA LYS A 146 -4.66 5.61 -20.64
C LYS A 146 -3.35 4.86 -20.63
N THR A 147 -2.29 5.56 -20.19
CA THR A 147 -0.98 5.02 -20.22
C THR A 147 -0.81 3.81 -19.32
N ALA A 148 -1.39 3.87 -18.13
CA ALA A 148 -1.29 2.78 -17.20
C ALA A 148 -2.00 1.53 -17.75
N PHE A 149 -3.21 1.71 -18.25
CA PHE A 149 -3.93 0.56 -18.79
C PHE A 149 -3.23 -0.02 -20.03
N GLU A 150 -2.67 0.86 -20.88
CA GLU A 150 -1.89 0.38 -22.06
C GLU A 150 -0.64 -0.37 -21.61
N LEU A 151 -0.18 -0.09 -20.40
CA LEU A 151 1.04 -0.75 -19.88
C LEU A 151 0.70 -2.03 -19.16
N GLY A 152 -0.58 -2.37 -19.17
CA GLY A 152 -1.03 -3.62 -18.58
C GLY A 152 -1.43 -3.60 -17.12
N TYR A 153 -1.60 -2.40 -16.58
CA TYR A 153 -2.15 -2.25 -15.18
C TYR A 153 -3.61 -2.66 -15.16
N ARG A 154 -3.99 -3.33 -14.08
CA ARG A 154 -5.37 -3.81 -13.83
C ARG A 154 -6.18 -2.89 -12.91
N ARG A 155 -5.50 -2.10 -12.10
CA ARG A 155 -6.12 -1.30 -11.08
C ARG A 155 -5.31 0.02 -10.95
N CYS A 156 -5.97 1.17 -11.02
CA CYS A 156 -5.42 2.47 -10.90
CA CYS A 156 -5.40 2.44 -10.87
C CYS A 156 -6.01 3.17 -9.63
N GLU A 157 -5.31 3.50 -8.56
CA GLU A 157 -5.93 4.09 -7.40
C GLU A 157 -5.85 5.59 -7.49
N TRP A 158 -6.73 6.23 -6.75
CA TRP A 158 -6.66 7.62 -6.41
C TRP A 158 -6.94 7.68 -4.93
N ARG A 159 -6.05 8.32 -4.20
CA ARG A 159 -6.19 8.44 -2.73
C ARG A 159 -6.14 9.92 -2.28
N CYS A 160 -6.89 10.25 -1.22
CA CYS A 160 -6.84 11.62 -0.65
C CYS A 160 -7.21 11.67 0.79
N ASP A 161 -6.79 12.76 1.43
CA ASP A 161 -7.19 13.04 2.80
C ASP A 161 -8.67 13.21 2.77
N SER A 162 -9.35 12.62 3.73
CA SER A 162 -10.82 12.69 3.74
C SER A 162 -11.33 14.12 3.86
N ARG A 163 -10.47 15.02 4.35
CA ARG A 163 -10.85 16.46 4.45
C ARG A 163 -10.66 17.21 3.14
N ASN A 164 -10.11 16.53 2.12
CA ASN A 164 -9.78 17.13 0.82
C ASN A 164 -11.00 16.91 -0.08
N ALA A 165 -11.98 17.80 0.10
CA ALA A 165 -13.22 17.70 -0.63
C ALA A 165 -13.04 17.73 -2.15
N ALA A 166 -12.16 18.59 -2.61
CA ALA A 166 -12.00 18.86 -4.04
C ALA A 166 -11.37 17.61 -4.72
N SER A 167 -10.43 16.96 -4.03
CA SER A 167 -9.79 15.78 -4.59
C SER A 167 -10.76 14.60 -4.71
N ALA A 168 -11.57 14.36 -3.69
CA ALA A 168 -12.59 13.35 -3.72
C ALA A 168 -13.59 13.57 -4.87
N ALA A 169 -13.92 14.81 -5.15
CA ALA A 169 -14.93 15.12 -6.16
C ALA A 169 -14.29 14.98 -7.52
N ALA A 170 -13.02 15.35 -7.60
CA ALA A 170 -12.25 15.10 -8.81
C ALA A 170 -12.18 13.60 -9.15
N ALA A 171 -11.79 12.80 -8.20
CA ALA A 171 -11.77 11.35 -8.44
C ALA A 171 -13.09 10.85 -9.01
N ARG A 172 -14.18 11.22 -8.36
CA ARG A 172 -15.49 10.77 -8.84
C ARG A 172 -15.82 11.32 -10.23
N ARG A 173 -15.41 12.54 -10.50
CA ARG A 173 -15.67 13.19 -11.74
C ARG A 173 -14.92 12.45 -12.84
N PHE A 174 -13.72 12.00 -12.54
CA PHE A 174 -12.88 11.23 -13.49
C PHE A 174 -13.35 9.80 -13.71
N GLY A 175 -14.22 9.33 -12.86
CA GLY A 175 -14.80 8.01 -13.03
C GLY A 175 -14.17 6.93 -12.14
N PHE A 176 -13.31 7.29 -11.19
CA PHE A 176 -12.89 6.36 -10.15
C PHE A 176 -14.09 6.04 -9.26
N GLN A 177 -14.12 4.83 -8.74
CA GLN A 177 -15.15 4.41 -7.82
C GLN A 177 -14.65 4.48 -6.41
N PHE A 178 -15.51 4.89 -5.48
CA PHE A 178 -15.13 4.93 -4.06
C PHE A 178 -15.12 3.56 -3.50
N GLU A 179 -14.03 3.17 -2.81
CA GLU A 179 -13.94 1.85 -2.23
C GLU A 179 -14.08 1.85 -0.68
N GLY A 180 -13.52 2.83 -0.05
CA GLY A 180 -13.64 2.95 1.39
C GLY A 180 -12.62 3.92 1.94
N THR A 181 -12.62 4.07 3.25
CA THR A 181 -11.79 4.98 3.96
C THR A 181 -10.96 4.27 5.03
N LEU A 182 -9.67 4.50 4.92
CA LEU A 182 -8.67 3.99 5.82
CA LEU A 182 -8.68 3.99 5.84
C LEU A 182 -8.55 4.99 7.00
N ARG A 183 -9.16 4.62 8.14
CA ARG A 183 -9.24 5.50 9.25
C ARG A 183 -7.89 5.57 9.99
N GLN A 184 -7.52 6.76 10.45
CA GLN A 184 -6.23 7.00 11.14
C GLN A 184 -5.06 6.34 10.38
N ALA A 185 -5.05 6.55 9.08
CA ALA A 185 -4.05 5.94 8.21
C ALA A 185 -2.71 6.63 8.40
N VAL A 187 -0.47 10.33 10.25
CA VAL A 187 -0.39 11.56 10.99
C VAL A 187 0.31 12.55 10.08
N VAL A 188 -0.40 13.59 9.66
CA VAL A 188 0.10 14.56 8.72
C VAL A 188 0.01 15.93 9.37
N LYS A 189 1.14 16.64 9.40
CA LYS A 189 1.19 18.00 9.92
C LYS A 189 0.50 18.10 11.28
N ARG A 190 0.79 17.15 12.14
CA ARG A 190 0.32 17.12 13.50
C ARG A 190 -1.18 17.01 13.62
N ARG A 191 -1.81 16.41 12.62
CA ARG A 191 -3.18 16.02 12.78
C ARG A 191 -3.47 14.66 12.11
N ASN A 192 -4.56 14.04 12.55
CA ASN A 192 -5.03 12.82 11.97
C ASN A 192 -5.35 12.98 10.48
N ARG A 193 -5.08 11.92 9.73
CA ARG A 193 -5.55 11.78 8.36
C ARG A 193 -6.23 10.45 8.19
N ASP A 194 -7.45 10.46 7.72
CA ASP A 194 -8.14 9.29 7.21
C ASP A 194 -8.04 9.41 5.73
N THR A 195 -7.76 8.31 5.07
CA THR A 195 -7.58 8.31 3.64
C THR A 195 -8.72 7.68 2.88
N HIS A 196 -9.31 8.41 1.96
CA HIS A 196 -10.27 7.81 1.04
C HIS A 196 -9.52 7.10 -0.09
N VAL A 197 -9.97 5.89 -0.42
CA VAL A 197 -9.41 5.13 -1.55
C VAL A 197 -10.46 4.96 -2.62
N PHE A 198 -10.07 5.35 -3.83
CA PHE A 198 -10.86 5.23 -5.01
C PHE A 198 -10.08 4.38 -6.03
N SER A 199 -10.75 3.77 -6.99
CA SER A 199 -10.07 3.01 -8.01
C SER A 199 -10.79 2.94 -9.31
N LEU A 201 -10.70 0.20 -12.59
CA LEU A 201 -10.27 -1.09 -13.01
C LEU A 201 -10.12 -1.09 -14.51
N ASP A 202 -9.35 -2.06 -15.01
CA ASP A 202 -9.14 -2.16 -16.43
C ASP A 202 -10.46 -2.32 -17.19
N GLY A 203 -11.37 -3.12 -16.68
CA GLY A 203 -12.64 -3.30 -17.36
C GLY A 203 -13.52 -2.06 -17.35
N GLU A 204 -13.33 -1.20 -16.39
CA GLU A 204 -14.09 0.05 -16.32
C GLU A 204 -13.59 1.05 -17.33
N TRP A 205 -12.29 1.02 -17.53
CA TRP A 205 -11.59 1.88 -18.46
C TRP A 205 -12.11 1.55 -19.82
N ASP A 206 -12.17 0.26 -20.15
CA ASP A 206 -12.76 -0.16 -21.44
C ASP A 206 -14.11 0.46 -21.74
N ALA A 207 -15.00 0.53 -20.74
CA ALA A 207 -16.34 1.12 -20.93
C ALA A 207 -16.41 2.67 -20.88
N ALA B 21 -0.85 14.56 19.96
CA ALA B 21 -0.68 16.01 20.37
C ALA B 21 0.80 16.23 20.81
N GLY B 22 1.63 16.77 19.88
CA GLY B 22 3.09 16.50 19.91
C GLY B 22 3.48 15.05 19.55
N TRP B 23 2.56 14.39 18.83
CA TRP B 23 2.77 13.03 18.24
C TRP B 23 4.07 12.94 17.57
N ARG B 24 4.83 11.92 17.92
CA ARG B 24 6.05 11.69 17.23
C ARG B 24 6.00 10.36 16.47
N SER B 25 5.68 9.28 17.19
CA SER B 25 5.88 7.91 16.67
C SER B 25 5.42 6.85 17.63
N ALA B 26 5.11 5.70 17.06
CA ALA B 26 4.92 4.49 17.82
C ALA B 26 6.24 3.73 17.97
N GLY B 27 6.24 2.78 18.90
CA GLY B 27 7.45 2.02 19.29
C GLY B 27 7.93 0.97 18.29
N LYS B 28 9.06 0.34 18.58
CA LYS B 28 9.68 -0.56 17.59
C LYS B 28 9.22 -1.95 17.93
N ALA B 29 9.16 -2.82 16.93
CA ALA B 29 8.72 -4.17 17.14
C ALA B 29 9.67 -4.82 18.13
N PRO B 30 9.18 -5.73 18.97
CA PRO B 30 10.05 -6.40 19.94
C PRO B 30 11.20 -7.22 19.29
N GLU B 31 12.37 -7.18 19.93
CA GLU B 31 13.50 -7.98 19.50
C GLU B 31 13.76 -9.13 20.49
N ALA B 32 12.88 -9.28 21.47
CA ALA B 32 12.92 -10.43 22.37
C ALA B 32 11.59 -11.10 22.31
N ALA B 33 11.53 -12.35 22.77
CA ALA B 33 10.29 -13.14 22.78
C ALA B 33 9.17 -12.35 23.37
N ILE B 34 7.96 -12.56 22.83
CA ILE B 34 6.70 -12.04 23.37
C ILE B 34 6.02 -13.23 24.05
N ARG B 35 5.97 -13.17 25.39
CA ARG B 35 5.57 -14.32 26.20
C ARG B 35 4.08 -14.21 26.47
N GLY B 36 3.34 -15.25 26.11
CA GLY B 36 1.92 -15.38 26.44
C GLY B 36 1.64 -16.48 27.48
N GLU B 37 0.37 -16.85 27.58
CA GLU B 37 -0.07 -17.96 28.44
C GLU B 37 0.28 -19.32 27.79
N ALA B 38 -0.36 -19.62 26.66
CA ALA B 38 -0.14 -20.89 25.92
C ALA B 38 1.05 -20.82 24.94
N VAL B 39 1.48 -19.60 24.61
CA VAL B 39 2.35 -19.39 23.43
C VAL B 39 3.48 -18.40 23.71
N SER B 40 4.58 -18.59 23.01
CA SER B 40 5.68 -17.64 23.00
C SER B 40 5.91 -17.31 21.51
N LEU B 41 6.14 -16.03 21.23
CA LEU B 41 6.46 -15.60 19.86
C LEU B 41 7.90 -15.20 19.80
N GLN B 42 8.68 -15.95 19.03
CA GLN B 42 10.13 -15.75 19.03
C GLN B 42 10.52 -14.94 17.76
N PRO B 43 11.30 -13.88 17.90
CA PRO B 43 11.65 -13.14 16.68
C PRO B 43 12.39 -14.08 15.72
N LEU B 44 12.00 -13.96 14.46
CA LEU B 44 12.35 -14.92 13.49
C LEU B 44 13.80 -14.68 13.12
N ASP B 45 14.56 -15.74 13.07
CA ASP B 45 15.92 -15.77 12.60
C ASP B 45 15.88 -16.61 11.31
N ALA B 46 15.67 -15.96 10.15
CA ALA B 46 15.40 -16.66 8.85
C ALA B 46 16.28 -17.84 8.59
N PRO B 47 17.61 -17.65 8.62
CA PRO B 47 18.49 -18.84 8.38
C PRO B 47 18.47 -19.93 9.50
N ARG B 48 18.15 -19.56 10.75
CA ARG B 48 18.07 -20.56 11.88
C ARG B 48 16.75 -21.41 11.87
N HIS B 49 15.62 -20.73 12.07
CA HIS B 49 14.27 -21.29 12.16
C HIS B 49 13.76 -21.81 10.81
N GLY B 50 14.41 -21.35 9.75
CA GLY B 50 13.95 -21.55 8.41
C GLY B 50 13.64 -22.96 8.05
N ALA B 51 14.55 -23.88 8.36
CA ALA B 51 14.35 -25.30 7.96
C ALA B 51 13.16 -25.94 8.67
N ALA B 52 13.03 -25.64 9.95
CA ALA B 52 11.91 -26.07 10.77
C ALA B 52 10.60 -25.59 10.19
N LEU B 53 10.51 -24.29 9.84
CA LEU B 53 9.28 -23.73 9.30
C LEU B 53 8.95 -24.27 7.92
N PHE B 54 9.97 -24.49 7.11
CA PHE B 54 9.77 -25.15 5.81
C PHE B 54 9.16 -26.52 5.95
N ARG B 55 9.65 -27.31 6.91
CA ARG B 55 9.14 -28.68 7.06
C ARG B 55 7.64 -28.71 7.49
N LEU B 56 7.17 -27.62 8.10
CA LEU B 56 5.82 -27.51 8.64
C LEU B 56 4.78 -27.56 7.58
N PHE B 57 5.12 -27.05 6.41
CA PHE B 57 4.18 -26.90 5.33
C PHE B 57 4.45 -27.79 4.15
N ALA B 58 5.61 -28.45 4.15
CA ALA B 58 5.99 -29.38 3.11
C ALA B 58 4.97 -30.48 3.09
N GLY B 59 4.74 -31.03 1.91
CA GLY B 59 3.69 -32.03 1.82
C GLY B 59 2.27 -31.51 1.65
N ASP B 60 1.90 -30.40 2.29
CA ASP B 60 0.54 -29.85 2.08
C ASP B 60 0.58 -28.52 1.37
N ASP B 61 0.63 -28.61 0.05
CA ASP B 61 0.76 -27.43 -0.77
C ASP B 61 -0.49 -26.60 -0.88
N SER B 62 -1.65 -27.15 -0.45
CA SER B 62 -2.89 -26.39 -0.37
C SER B 62 -2.79 -25.25 0.65
N HIS B 63 -1.87 -25.37 1.61
CA HIS B 63 -1.55 -24.23 2.51
C HIS B 63 -1.41 -22.87 1.73
N TRP B 64 -0.82 -22.90 0.52
CA TRP B 64 -0.47 -21.65 -0.19
C TRP B 64 -1.56 -21.11 -1.15
N GLU B 65 -2.74 -21.73 -1.04
CA GLU B 65 -3.97 -21.31 -1.71
C GLU B 65 -4.37 -19.84 -1.56
N HIS B 66 -4.83 -19.38 -0.39
CA HIS B 66 -5.21 -17.95 -0.27
C HIS B 66 -4.03 -16.97 -0.14
N LEU B 67 -2.78 -17.42 -0.34
CA LEU B 67 -1.59 -16.54 -0.17
C LEU B 67 -0.83 -16.27 -1.44
N PRO B 68 -0.13 -15.12 -1.51
CA PRO B 68 0.68 -14.80 -2.72
C PRO B 68 2.05 -15.39 -2.82
N TYR B 69 2.38 -16.34 -1.95
CA TYR B 69 3.66 -16.94 -2.09
C TYR B 69 3.51 -18.43 -1.82
N GLY B 70 4.52 -19.19 -2.19
CA GLY B 70 4.47 -20.60 -1.99
C GLY B 70 3.79 -21.30 -3.17
N PRO B 71 3.87 -22.64 -3.20
CA PRO B 71 4.66 -23.43 -2.26
C PRO B 71 6.10 -23.24 -2.59
N PHE B 72 7.00 -23.81 -1.80
CA PHE B 72 8.44 -23.72 -2.08
C PHE B 72 9.08 -25.08 -2.48
N GLU B 73 9.94 -25.05 -3.50
CA GLU B 73 10.57 -26.23 -4.06
C GLU B 73 11.36 -27.00 -3.03
N ASP B 74 12.05 -26.27 -2.17
CA ASP B 74 12.96 -26.87 -1.22
C ASP B 74 13.33 -25.86 -0.10
N GLU B 75 14.07 -26.32 0.89
CA GLU B 75 14.37 -25.42 2.00
C GLU B 75 15.04 -24.16 1.54
N ASP B 76 15.96 -24.25 0.58
CA ASP B 76 16.70 -23.08 0.10
C ASP B 76 15.69 -22.02 -0.37
N ALA B 77 14.65 -22.45 -1.07
CA ALA B 77 13.73 -21.50 -1.67
C ALA B 77 12.93 -20.77 -0.61
N PHE B 78 12.60 -21.50 0.47
CA PHE B 78 11.85 -20.98 1.54
C PHE B 78 12.70 -20.03 2.34
N ILE B 79 13.89 -20.46 2.71
CA ILE B 79 14.83 -19.54 3.42
C ILE B 79 15.09 -18.27 2.61
N THR B 80 15.20 -18.38 1.30
CA THR B 80 15.40 -17.21 0.43
C THR B 80 14.20 -16.23 0.60
N TRP B 81 13.00 -16.77 0.57
CA TRP B 81 11.82 -15.93 0.59
C TRP B 81 11.72 -15.25 1.97
N LEU B 82 12.05 -16.02 2.98
CA LEU B 82 12.07 -15.47 4.34
C LEU B 82 13.08 -14.41 4.58
N ALA B 83 14.30 -14.61 4.13
CA ALA B 83 15.29 -13.59 4.21
C ALA B 83 14.88 -12.34 3.52
N LEU B 84 14.40 -12.45 2.27
CA LEU B 84 14.09 -11.23 1.53
C LEU B 84 12.86 -10.52 2.14
N THR B 85 11.94 -11.31 2.68
CA THR B 85 10.74 -10.74 3.32
C THR B 85 11.12 -9.91 4.57
N VAL B 86 11.92 -10.48 5.45
CA VAL B 86 12.36 -9.85 6.74
C VAL B 86 13.40 -8.77 6.52
N ALA B 87 14.03 -8.76 5.35
CA ALA B 87 14.98 -7.70 5.08
C ALA B 87 14.29 -6.38 4.88
N GLN B 88 12.98 -6.39 4.60
CA GLN B 88 12.28 -5.10 4.45
CA GLN B 88 12.25 -5.13 4.45
C GLN B 88 12.15 -4.45 5.83
N SER B 89 12.40 -3.12 5.87
CA SER B 89 12.31 -2.34 7.11
C SER B 89 10.96 -2.38 7.68
N ASP B 90 9.96 -2.49 6.82
CA ASP B 90 8.60 -2.39 7.32
C ASP B 90 7.99 -3.72 7.73
N THR B 91 8.77 -4.82 7.75
CA THR B 91 8.23 -6.16 8.06
C THR B 91 9.07 -6.81 9.18
N ALA B 92 8.41 -7.40 10.18
CA ALA B 92 9.01 -8.13 11.29
C ALA B 92 8.26 -9.38 11.54
N LEU B 93 8.94 -10.53 11.46
CA LEU B 93 8.25 -11.81 11.68
C LEU B 93 8.63 -12.50 13.02
N TYR B 94 7.72 -13.35 13.52
CA TYR B 94 7.87 -14.09 14.74
C TYR B 94 7.47 -15.53 14.54
N VAL B 95 8.13 -16.39 15.29
CA VAL B 95 7.85 -17.80 15.23
C VAL B 95 6.93 -18.14 16.39
N VAL B 96 5.86 -18.85 16.09
CA VAL B 96 5.00 -19.42 17.19
C VAL B 96 5.50 -20.71 17.79
N CYS B 97 5.80 -20.70 19.09
CA CYS B 97 6.06 -21.91 19.89
C CYS B 97 5.07 -22.10 21.07
N ALA B 98 4.90 -23.34 21.55
CA ALA B 98 4.12 -23.63 22.76
C ALA B 98 4.82 -23.06 24.00
N SER B 101 7.93 -25.16 24.85
CA SER B 101 8.97 -25.82 24.09
C SER B 101 9.50 -24.86 23.04
N ASP B 102 10.52 -25.28 22.31
CA ASP B 102 10.96 -24.52 21.11
C ASP B 102 10.50 -25.14 19.79
N GLN B 103 9.47 -25.99 19.81
CA GLN B 103 8.93 -26.55 18.58
C GLN B 103 8.15 -25.48 17.79
N ALA B 104 8.64 -25.12 16.62
CA ALA B 104 7.98 -24.08 15.84
C ALA B 104 6.72 -24.66 15.28
N LEU B 105 5.63 -23.94 15.50
CA LEU B 105 4.29 -24.33 15.07
C LEU B 105 3.69 -23.50 13.90
N GLY B 106 4.37 -22.42 13.53
CA GLY B 106 3.88 -21.56 12.45
C GLY B 106 4.63 -20.23 12.60
N PHE B 107 4.26 -19.21 11.83
CA PHE B 107 4.83 -17.90 11.97
C PHE B 107 3.79 -16.84 11.56
N LEU B 108 4.09 -15.59 11.91
CA LEU B 108 3.25 -14.45 11.54
C LEU B 108 4.02 -13.24 11.92
N GLY B 109 3.51 -12.07 11.57
CA GLY B 109 4.19 -10.85 12.01
C GLY B 109 3.55 -9.58 11.58
N TYR B 110 4.34 -8.51 11.57
CA TYR B 110 3.91 -7.19 11.17
C TYR B 110 4.36 -6.83 9.76
N ARG B 111 3.52 -6.13 8.99
CA ARG B 111 3.81 -5.66 7.64
CA ARG B 111 4.06 -5.57 7.76
C ARG B 111 3.46 -4.20 7.63
N GLN B 112 3.96 -3.46 6.65
CA GLN B 112 3.62 -2.07 6.43
C GLN B 112 3.74 -1.28 7.78
N VAL B 114 4.98 1.31 9.86
CA VAL B 114 5.44 2.72 9.79
C VAL B 114 5.31 3.48 11.13
N GLN B 115 6.41 3.62 11.83
CA GLN B 115 6.43 4.14 13.19
C GLN B 115 5.88 5.55 13.25
N ALA B 116 6.17 6.30 12.19
CA ALA B 116 5.94 7.75 12.16
C ALA B 116 4.51 8.02 12.04
N HIS B 117 3.78 7.04 11.49
CA HIS B 117 2.33 7.15 11.39
C HIS B 117 1.57 6.33 12.35
N GLY B 118 2.25 5.61 13.20
CA GLY B 118 1.66 4.60 14.06
C GLY B 118 0.67 3.75 13.28
N ALA B 119 1.07 3.29 12.09
CA ALA B 119 0.25 2.41 11.32
C ALA B 119 1.00 1.07 11.17
N ILE B 120 0.28 -0.02 11.20
CA ILE B 120 0.91 -1.37 11.10
C ILE B 120 -0.18 -2.32 10.60
N GLU B 121 0.26 -3.44 10.07
CA GLU B 121 -0.63 -4.52 9.63
C GLU B 121 -0.13 -5.80 10.34
N ILE B 122 -1.04 -6.61 10.85
CA ILE B 122 -0.74 -8.01 11.22
C ILE B 122 -1.04 -8.89 10.06
N GLY B 123 0.01 -9.56 9.61
CA GLY B 123 -0.08 -10.42 8.45
C GLY B 123 0.94 -11.56 8.45
N HIS B 124 1.20 -12.07 7.26
CA HIS B 124 1.98 -13.29 7.07
C HIS B 124 1.58 -14.39 8.05
N VAL B 125 0.29 -14.58 8.29
CA VAL B 125 -0.14 -15.63 9.23
C VAL B 125 -0.02 -16.97 8.53
N ASN B 126 0.93 -17.79 8.97
CA ASN B 126 1.19 -19.08 8.38
C ASN B 126 1.21 -20.12 9.50
N PHE B 127 0.09 -20.78 9.72
CA PHE B 127 -0.05 -21.64 10.90
C PHE B 127 -0.21 -23.06 10.41
N SER B 128 0.51 -23.96 11.08
CA SER B 128 0.52 -25.41 10.72
C SER B 128 -0.86 -25.95 11.00
N PRO B 129 -1.22 -27.10 10.37
CA PRO B 129 -2.53 -27.65 10.69
C PRO B 129 -2.73 -27.90 12.16
N ALA B 130 -1.68 -28.36 12.84
CA ALA B 130 -1.70 -28.54 14.30
C ALA B 130 -2.06 -27.28 15.10
N LEU B 131 -1.63 -26.10 14.63
CA LEU B 131 -1.96 -24.81 15.33
C LEU B 131 -3.33 -24.29 14.92
N ARG B 132 -3.64 -24.37 13.62
CA ARG B 132 -4.92 -23.87 13.02
C ARG B 132 -6.11 -24.74 13.39
N ARG B 135 -6.38 -22.95 20.36
CA ARG B 135 -6.47 -21.66 21.06
C ARG B 135 -5.12 -20.96 20.94
N LEU B 136 -4.09 -21.71 20.54
CA LEU B 136 -2.76 -21.15 20.51
C LEU B 136 -2.64 -20.19 19.30
N ALA B 137 -3.36 -20.53 18.23
CA ALA B 137 -3.47 -19.72 16.98
C ALA B 137 -4.02 -18.35 17.29
N THR B 138 -5.14 -18.37 18.02
CA THR B 138 -5.78 -17.14 18.48
C THR B 138 -4.89 -16.28 19.37
N GLU B 139 -4.18 -16.92 20.27
CA GLU B 139 -3.32 -16.14 21.17
C GLU B 139 -2.13 -15.52 20.44
N ALA B 140 -1.63 -16.22 19.42
CA ALA B 140 -0.46 -15.70 18.66
C ALA B 140 -0.83 -14.34 18.05
N VAL B 141 -1.98 -14.28 17.38
CA VAL B 141 -2.45 -13.04 16.81
C VAL B 141 -2.68 -11.98 17.85
N PHE B 142 -3.45 -12.30 18.91
CA PHE B 142 -3.69 -11.32 19.93
C PHE B 142 -2.42 -10.77 20.59
N LEU B 143 -1.44 -11.65 20.82
CA LEU B 143 -0.19 -11.12 21.36
C LEU B 143 0.33 -9.98 20.50
N LEU B 144 0.29 -10.11 19.15
CA LEU B 144 0.79 -8.98 18.34
C LEU B 144 -0.12 -7.76 18.33
N LEU B 145 -1.43 -8.04 18.40
CA LEU B 145 -2.41 -6.99 18.55
C LEU B 145 -2.14 -6.19 19.81
N LYS B 146 -2.13 -6.94 20.94
CA LYS B 146 -1.83 -6.32 22.25
C LYS B 146 -0.52 -5.53 22.22
N THR B 147 0.53 -6.17 21.67
CA THR B 147 1.82 -5.53 21.65
C THR B 147 1.79 -4.25 20.80
N ALA B 148 1.12 -4.26 19.63
CA ALA B 148 1.11 -3.08 18.77
C ALA B 148 0.40 -1.92 19.48
N PHE B 149 -0.71 -2.22 20.10
CA PHE B 149 -1.36 -1.13 20.86
C PHE B 149 -0.57 -0.67 22.09
N GLU B 150 0.10 -1.59 22.78
CA GLU B 150 0.95 -1.13 23.90
C GLU B 150 2.14 -0.32 23.44
N LEU B 151 2.62 -0.57 22.22
CA LEU B 151 3.71 0.27 21.62
C LEU B 151 3.23 1.59 21.02
N GLY B 152 1.93 1.79 21.09
CA GLY B 152 1.23 3.07 20.81
C GLY B 152 0.86 3.25 19.34
N TYR B 153 0.73 2.16 18.58
CA TYR B 153 0.21 2.24 17.20
C TYR B 153 -1.22 2.79 17.35
N ARG B 154 -1.58 3.60 16.35
CA ARG B 154 -2.94 4.22 16.17
C ARG B 154 -3.93 3.37 15.32
N ARG B 155 -3.34 2.57 14.45
CA ARG B 155 -4.08 1.79 13.44
C ARG B 155 -3.38 0.48 13.23
N CYS B 156 -4.13 -0.60 13.37
CA CYS B 156 -3.66 -1.91 12.98
C CYS B 156 -4.63 -2.45 11.96
N GLU B 157 -4.07 -2.88 10.83
CA GLU B 157 -4.83 -3.37 9.71
C GLU B 157 -4.76 -4.86 9.68
N TRP B 158 -5.78 -5.45 9.08
CA TRP B 158 -5.83 -6.87 8.79
C TRP B 158 -6.42 -6.99 7.39
N ARG B 159 -5.73 -7.72 6.50
CA ARG B 159 -6.17 -7.83 5.09
C ARG B 159 -6.33 -9.24 4.74
N CYS B 160 -7.20 -9.52 3.77
CA CYS B 160 -7.29 -10.90 3.29
C CYS B 160 -7.84 -10.96 1.87
N ASP B 161 -7.58 -12.07 1.20
CA ASP B 161 -8.17 -12.29 -0.12
C ASP B 161 -9.65 -12.39 0.14
N SER B 162 -10.50 -11.76 -0.66
CA SER B 162 -11.97 -11.88 -0.49
C SER B 162 -12.48 -13.33 -0.54
N ARG B 163 -11.71 -14.26 -1.13
CA ARG B 163 -12.12 -15.73 -1.16
C ARG B 163 -11.89 -16.42 0.17
N ASN B 164 -11.18 -15.77 1.09
CA ASN B 164 -10.74 -16.34 2.34
C ASN B 164 -11.81 -16.05 3.40
N ALA B 165 -12.75 -16.99 3.55
CA ALA B 165 -13.82 -16.80 4.50
C ALA B 165 -13.34 -16.80 5.97
N ALA B 166 -12.53 -17.77 6.32
CA ALA B 166 -11.99 -17.94 7.65
C ALA B 166 -11.25 -16.70 8.10
N SER B 167 -10.39 -16.14 7.24
CA SER B 167 -9.62 -14.97 7.68
C SER B 167 -10.55 -13.80 7.99
N ALA B 168 -11.53 -13.57 7.12
CA ALA B 168 -12.45 -12.50 7.31
C ALA B 168 -13.20 -12.69 8.61
N ALA B 169 -13.61 -13.93 8.90
CA ALA B 169 -14.41 -14.17 10.12
C ALA B 169 -13.52 -13.93 11.36
N ALA B 170 -12.29 -14.41 11.28
CA ALA B 170 -11.26 -14.16 12.31
C ALA B 170 -11.08 -12.67 12.62
N ALA B 171 -11.02 -11.83 11.58
CA ALA B 171 -10.89 -10.41 11.79
C ALA B 171 -12.03 -9.83 12.58
N ARG B 172 -13.23 -10.17 12.18
CA ARG B 172 -14.43 -9.67 12.86
C ARG B 172 -14.41 -10.14 14.32
N ARG B 173 -14.12 -11.39 14.52
CA ARG B 173 -14.04 -11.97 15.84
C ARG B 173 -13.06 -11.21 16.72
N PHE B 174 -11.88 -10.85 16.23
CA PHE B 174 -10.92 -10.06 17.03
C PHE B 174 -11.37 -8.63 17.28
N GLY B 175 -12.39 -8.14 16.57
CA GLY B 175 -12.87 -6.79 16.78
C GLY B 175 -12.50 -5.83 15.66
N PHE B 176 -11.86 -6.31 14.61
CA PHE B 176 -11.51 -5.44 13.48
C PHE B 176 -12.76 -4.99 12.74
N GLN B 177 -12.74 -3.80 12.18
CA GLN B 177 -13.94 -3.25 11.52
C GLN B 177 -13.67 -3.27 10.02
N PHE B 178 -14.64 -3.66 9.21
CA PHE B 178 -14.44 -3.75 7.74
C PHE B 178 -14.45 -2.35 7.15
N GLU B 179 -13.41 -1.99 6.39
CA GLU B 179 -13.36 -0.65 5.78
C GLU B 179 -13.68 -0.65 4.31
N GLY B 180 -13.31 -1.70 3.59
CA GLY B 180 -13.69 -1.74 2.18
C GLY B 180 -12.86 -2.77 1.42
N THR B 181 -13.12 -2.89 0.14
CA THR B 181 -12.52 -3.94 -0.69
C THR B 181 -11.74 -3.29 -1.83
N LEU B 182 -10.43 -3.57 -1.84
CA LEU B 182 -9.57 -3.14 -2.89
C LEU B 182 -9.72 -4.11 -4.07
N ARG B 183 -10.44 -3.68 -5.07
CA ARG B 183 -10.79 -4.50 -6.22
C ARG B 183 -9.64 -4.76 -7.15
N GLN B 184 -9.47 -6.03 -7.58
CA GLN B 184 -8.31 -6.30 -8.47
C GLN B 184 -6.98 -5.80 -7.92
N ALA B 185 -6.78 -5.99 -6.62
CA ALA B 185 -5.59 -5.54 -5.96
C ALA B 185 -4.35 -6.34 -6.36
N VAL B 187 -2.77 -10.26 -8.47
CA VAL B 187 -2.90 -11.52 -9.28
C VAL B 187 -2.10 -12.52 -8.50
N VAL B 188 -2.79 -13.51 -7.95
CA VAL B 188 -2.22 -14.57 -7.14
C VAL B 188 -2.40 -15.87 -7.88
N LYS B 189 -1.29 -16.49 -8.31
CA LYS B 189 -1.29 -17.73 -9.04
C LYS B 189 -2.23 -17.59 -10.25
N ARG B 190 -2.03 -16.53 -11.04
CA ARG B 190 -2.75 -16.26 -12.30
C ARG B 190 -4.29 -16.08 -12.11
N ARG B 191 -4.76 -15.92 -10.84
CA ARG B 191 -6.19 -15.60 -10.53
C ARG B 191 -6.37 -14.20 -9.92
N ASN B 192 -7.55 -13.61 -10.11
CA ASN B 192 -7.85 -12.35 -9.48
C ASN B 192 -7.87 -12.41 -7.93
N ARG B 193 -7.38 -11.38 -7.29
CA ARG B 193 -7.60 -11.19 -5.88
C ARG B 193 -8.17 -9.81 -5.54
N ASP B 194 -9.32 -9.78 -4.92
CA ASP B 194 -9.80 -8.58 -4.26
C ASP B 194 -9.41 -8.66 -2.79
N THR B 195 -8.89 -7.57 -2.20
CA THR B 195 -8.42 -7.62 -0.83
C THR B 195 -9.45 -6.96 0.06
N HIS B 196 -9.98 -7.69 1.03
CA HIS B 196 -10.78 -7.04 2.07
C HIS B 196 -9.79 -6.34 3.06
N VAL B 197 -10.08 -5.10 3.40
CA VAL B 197 -9.26 -4.34 4.39
C VAL B 197 -10.08 -4.07 5.66
N PHE B 198 -9.56 -4.51 6.80
CA PHE B 198 -10.18 -4.31 8.11
C PHE B 198 -9.14 -3.55 9.01
N SER B 199 -9.62 -2.81 10.00
CA SER B 199 -8.73 -2.11 10.89
C SER B 199 -9.28 -2.03 12.27
N LEU B 201 -8.70 0.73 15.50
CA LEU B 201 -8.05 1.92 15.90
C LEU B 201 -7.65 1.84 17.40
N ASP B 202 -6.72 2.67 17.85
CA ASP B 202 -6.31 2.67 19.25
C ASP B 202 -7.53 2.97 20.18
N GLY B 203 -8.45 3.85 19.76
CA GLY B 203 -9.66 4.08 20.60
C GLY B 203 -10.54 2.84 20.70
N GLU B 204 -10.52 2.02 19.64
CA GLU B 204 -11.26 0.79 19.59
C GLU B 204 -10.66 -0.30 20.47
N TRP B 205 -9.32 -0.29 20.59
CA TRP B 205 -8.60 -1.25 21.37
C TRP B 205 -8.96 -1.03 22.84
N ASP B 206 -8.86 0.23 23.25
CA ASP B 206 -9.25 0.63 24.58
C ASP B 206 -10.67 0.13 24.98
N ALA B 207 -11.60 0.19 24.03
CA ALA B 207 -13.03 -0.04 24.31
C ALA B 207 -13.45 -1.48 24.02
#